data_8OV2
#
_entry.id   8OV2
#
_cell.length_a   168.020
_cell.length_b   168.020
_cell.length_c   51.580
_cell.angle_alpha   90.000
_cell.angle_beta   90.000
_cell.angle_gamma   120.000
#
_symmetry.space_group_name_H-M   'P 31 2 1'
#
loop_
_entity.id
_entity.type
_entity.pdbx_description
1 polymer "2'-O-methyltransferase nsp16"
2 polymer 'Non-structural protein 10'
3 non-polymer 1,2-ETHANEDIOL
4 non-polymer '2-(N-MORPHOLINO)-ETHANESULFONIC ACID'
5 non-polymer SANGIVAMYCIN
6 non-polymer 'ZINC ION'
7 water water
#
loop_
_entity_poly.entity_id
_entity_poly.type
_entity_poly.pdbx_seq_one_letter_code
_entity_poly.pdbx_strand_id
1 'polypeptide(L)'
;SSQAWQPGVAMPNLYKMQRMLLEKCDLQNYGDSATLPKGIMMNVAKYTQLCQYLNTLTLAVPYNMRVIHFGAGSDKGVAP
GTAVLRQWLPTGTLLVDSDLNDFVSDADSTLIGDCATVHTANKWDLIISDMYDPKTKNVTKENDSKEGFFTYICGFIQQK
LALGGSVAIKITEHSWNADLYKLMGHFAWWTAFVTNVNASSSEAFLIGCNYLGKPREQIDGYVMHANYIFWRNTNPIQLS
SYSLFDMSKFPLKLRGTAVMSLKEGQINDMILSLLSKGRLIIRENNRVVISSDVLVNNENLYFQ
;
A
2 'polypeptide(L)'
;GAGNATEVPANSTVLSFCAFAVDAAKAYKDYLASGGQPITNCVKMLCTHTGTGQAITVTPEANMDQESFGGASCCLYCRC
HIDHPNPKGFCDLKGKYVQIPTTCANDPVGFTLKNTVCTVCGMWKGYGCSCDQLREPMLQ
;
B
#
loop_
_chem_comp.id
_chem_comp.type
_chem_comp.name
_chem_comp.formula
EDO non-polymer 1,2-ETHANEDIOL 'C2 H6 O2'
MES non-polymer '2-(N-MORPHOLINO)-ETHANESULFONIC ACID' 'C6 H13 N O4 S'
SGV non-polymer SANGIVAMYCIN 'C12 H15 N5 O5'
ZN non-polymer 'ZINC ION' 'Zn 2'
#
# COMPACT_ATOMS: atom_id res chain seq x y z
N SER A 1 -8.61 -8.16 -23.42
CA SER A 1 -9.62 -7.56 -24.35
C SER A 1 -9.60 -6.05 -24.30
N SER A 2 -8.38 -5.50 -24.38
CA SER A 2 -8.09 -4.16 -23.89
C SER A 2 -7.93 -4.30 -22.38
N GLN A 3 -8.87 -5.02 -21.73
CA GLN A 3 -8.86 -5.15 -20.28
C GLN A 3 -7.58 -5.79 -19.78
N ALA A 4 -7.06 -6.77 -20.53
CA ALA A 4 -5.86 -7.48 -20.10
C ALA A 4 -4.64 -6.56 -20.09
N TRP A 5 -4.68 -5.44 -20.81
CA TRP A 5 -3.57 -4.51 -20.81
C TRP A 5 -3.81 -3.37 -19.84
N GLN A 6 -4.91 -3.39 -19.12
CA GLN A 6 -5.13 -2.41 -18.04
C GLN A 6 -4.54 -2.95 -16.76
N PRO A 7 -4.43 -2.12 -15.72
CA PRO A 7 -3.98 -2.65 -14.41
C PRO A 7 -5.01 -3.53 -13.74
N GLY A 8 -6.26 -3.45 -14.17
CA GLY A 8 -7.34 -4.18 -13.55
C GLY A 8 -8.67 -3.72 -14.14
N VAL A 9 -9.76 -4.02 -13.45
CA VAL A 9 -11.09 -3.71 -13.93
C VAL A 9 -11.90 -3.08 -12.81
N ALA A 10 -12.52 -1.96 -13.10
CA ALA A 10 -13.40 -1.28 -12.16
C ALA A 10 -14.86 -1.67 -12.43
N MET A 11 -15.63 -1.81 -11.36
CA MET A 11 -17.06 -2.13 -11.43
C MET A 11 -17.79 -1.18 -12.37
N PRO A 12 -18.37 -1.65 -13.47
CA PRO A 12 -19.08 -0.72 -14.38
C PRO A 12 -20.30 -0.09 -13.70
N ASN A 13 -20.55 1.18 -14.05
CA ASN A 13 -21.58 1.97 -13.37
C ASN A 13 -22.93 1.28 -13.39
N LEU A 14 -23.30 0.66 -14.51
CA LEU A 14 -24.63 0.05 -14.55
C LEU A 14 -24.79 -1.02 -13.50
N TYR A 15 -23.72 -1.76 -13.18
CA TYR A 15 -23.85 -2.75 -12.11
C TYR A 15 -24.12 -2.08 -10.76
N LYS A 16 -23.55 -0.88 -10.54
CA LYS A 16 -23.81 -0.18 -9.29
C LYS A 16 -25.27 0.19 -9.13
N MET A 17 -26.00 0.31 -10.23
CA MET A 17 -27.38 0.81 -10.23
C MET A 17 -28.41 -0.28 -10.06
N GLN A 18 -28.00 -1.53 -9.90
CA GLN A 18 -28.93 -2.64 -9.80
C GLN A 18 -29.44 -2.76 -8.37
N ARG A 19 -30.32 -3.72 -8.16
CA ARG A 19 -30.83 -4.04 -6.82
C ARG A 19 -30.79 -5.54 -6.67
N MET A 20 -29.59 -6.09 -6.66
CA MET A 20 -29.46 -7.54 -6.66
C MET A 20 -29.56 -8.10 -5.26
N LEU A 21 -29.89 -9.37 -5.19
CA LEU A 21 -29.85 -10.11 -3.93
C LEU A 21 -28.47 -10.74 -3.79
N LEU A 22 -27.99 -10.84 -2.56
CA LEU A 22 -26.66 -11.40 -2.34
C LEU A 22 -26.64 -12.88 -2.67
N GLU A 23 -25.69 -13.31 -3.49
CA GLU A 23 -25.48 -14.73 -3.75
C GLU A 23 -24.06 -15.09 -3.38
N LYS A 24 -23.80 -16.39 -3.41
CA LYS A 24 -22.44 -16.89 -3.26
C LYS A 24 -21.61 -16.45 -4.47
N CYS A 25 -20.31 -16.18 -4.22
CA CYS A 25 -19.39 -15.80 -5.28
C CYS A 25 -18.74 -17.06 -5.85
N ASP A 26 -18.94 -17.32 -7.15
N ASP A 26 -18.96 -17.32 -7.14
CA ASP A 26 -18.35 -18.46 -7.85
CA ASP A 26 -18.38 -18.46 -7.85
C ASP A 26 -17.63 -17.90 -9.06
C ASP A 26 -17.63 -17.90 -9.06
N LEU A 27 -16.31 -17.81 -8.98
CA LEU A 27 -15.51 -17.21 -10.04
C LEU A 27 -15.02 -18.31 -11.00
N GLN A 28 -15.29 -18.10 -12.28
CA GLN A 28 -14.85 -19.03 -13.31
C GLN A 28 -13.35 -19.26 -13.24
N ASN A 29 -12.58 -18.18 -13.14
CA ASN A 29 -11.12 -18.23 -13.15
C ASN A 29 -10.53 -18.58 -11.78
N TYR A 30 -11.38 -18.95 -10.82
CA TYR A 30 -10.91 -19.34 -9.50
C TYR A 30 -9.89 -20.46 -9.62
N GLY A 31 -8.68 -20.22 -9.16
CA GLY A 31 -7.60 -21.17 -9.33
C GLY A 31 -6.62 -20.87 -10.45
N ASP A 32 -7.03 -20.10 -11.45
CA ASP A 32 -6.05 -19.51 -12.35
C ASP A 32 -5.06 -18.68 -11.52
N SER A 33 -3.88 -18.45 -12.09
CA SER A 33 -2.89 -17.58 -11.47
C SER A 33 -2.18 -16.83 -12.58
N ALA A 34 -1.98 -15.53 -12.38
CA ALA A 34 -1.19 -14.77 -13.33
C ALA A 34 0.27 -15.16 -13.17
N THR A 35 1.01 -14.92 -14.23
CA THR A 35 2.43 -15.24 -14.29
C THR A 35 3.17 -13.96 -13.95
N LEU A 36 3.66 -13.89 -12.73
CA LEU A 36 4.32 -12.69 -12.25
C LEU A 36 5.72 -12.61 -12.83
N PRO A 37 6.22 -11.41 -13.08
CA PRO A 37 7.64 -11.28 -13.47
C PRO A 37 8.53 -11.97 -12.45
N LYS A 38 9.67 -12.45 -12.93
CA LYS A 38 10.60 -13.19 -12.13
C LYS A 38 10.91 -12.49 -10.82
N GLY A 39 10.71 -13.21 -9.71
CA GLY A 39 11.09 -12.74 -8.38
C GLY A 39 10.19 -11.68 -7.78
N ILE A 40 9.05 -11.34 -8.41
CA ILE A 40 8.15 -10.30 -7.91
C ILE A 40 7.06 -10.95 -7.08
N MET A 41 6.85 -10.44 -5.85
CA MET A 41 5.81 -10.93 -4.96
C MET A 41 4.42 -10.51 -5.42
N MET A 42 3.40 -11.35 -5.13
CA MET A 42 2.01 -10.97 -5.41
C MET A 42 1.68 -9.60 -4.84
N ASN A 43 2.10 -9.33 -3.59
CA ASN A 43 1.66 -8.07 -2.99
C ASN A 43 2.30 -6.88 -3.65
N VAL A 44 3.52 -7.02 -4.18
CA VAL A 44 4.09 -5.91 -4.96
C VAL A 44 3.28 -5.70 -6.26
N ALA A 45 2.98 -6.80 -6.97
CA ALA A 45 2.23 -6.67 -8.22
C ALA A 45 0.87 -6.06 -7.98
N LYS A 46 0.22 -6.49 -6.90
CA LYS A 46 -1.14 -6.06 -6.61
C LYS A 46 -1.19 -4.58 -6.28
N TYR A 47 -0.28 -4.13 -5.39
CA TYR A 47 -0.23 -2.71 -5.07
C TYR A 47 0.22 -1.88 -6.27
N THR A 48 1.08 -2.43 -7.11
CA THR A 48 1.47 -1.68 -8.31
C THR A 48 0.26 -1.44 -9.21
N GLN A 49 -0.56 -2.48 -9.40
CA GLN A 49 -1.73 -2.31 -10.24
C GLN A 49 -2.75 -1.40 -9.58
N LEU A 50 -2.94 -1.52 -8.26
CA LEU A 50 -3.79 -0.55 -7.56
C LEU A 50 -3.35 0.89 -7.83
N CYS A 51 -2.07 1.17 -7.62
CA CYS A 51 -1.57 2.52 -7.82
C CYS A 51 -1.67 2.94 -9.29
N GLN A 52 -1.38 2.05 -10.23
CA GLN A 52 -1.58 2.37 -11.64
C GLN A 52 -3.03 2.79 -11.91
N TYR A 53 -4.01 2.13 -11.26
CA TYR A 53 -5.39 2.54 -11.46
C TYR A 53 -5.67 3.90 -10.78
N LEU A 54 -5.14 4.10 -9.57
CA LEU A 54 -5.36 5.37 -8.90
C LEU A 54 -4.77 6.52 -9.71
N ASN A 55 -3.72 6.25 -10.48
CA ASN A 55 -3.18 7.29 -11.36
C ASN A 55 -4.22 7.82 -12.34
N THR A 56 -5.28 7.07 -12.62
CA THR A 56 -6.30 7.49 -13.60
C THR A 56 -7.40 8.30 -12.96
N LEU A 57 -7.40 8.48 -11.64
CA LEU A 57 -8.45 9.21 -10.97
C LEU A 57 -7.97 10.61 -10.63
N THR A 58 -8.88 11.42 -10.16
CA THR A 58 -8.59 12.81 -9.79
C THR A 58 -8.21 12.94 -8.32
N LEU A 59 -7.17 12.21 -7.93
CA LEU A 59 -6.68 12.33 -6.59
C LEU A 59 -6.08 13.71 -6.35
N ALA A 60 -6.40 14.28 -5.20
CA ALA A 60 -5.68 15.44 -4.67
C ALA A 60 -4.27 15.04 -4.22
N VAL A 61 -3.27 15.78 -4.69
CA VAL A 61 -1.87 15.49 -4.36
C VAL A 61 -1.17 16.77 -3.88
N PRO A 62 -1.35 17.13 -2.63
CA PRO A 62 -0.76 18.37 -2.11
C PRO A 62 0.71 18.20 -1.76
N TYR A 63 1.40 19.34 -1.58
CA TYR A 63 2.68 19.32 -0.87
C TYR A 63 2.42 18.85 0.55
N ASN A 64 3.43 18.22 1.15
N ASN A 64 3.43 18.24 1.18
CA ASN A 64 3.32 17.71 2.50
CA ASN A 64 3.28 17.75 2.55
C ASN A 64 2.13 16.76 2.63
C ASN A 64 2.11 16.75 2.65
N MET A 65 1.94 15.95 1.61
CA MET A 65 0.89 14.95 1.60
C MET A 65 1.06 13.98 2.78
N ARG A 66 -0.07 13.47 3.26
CA ARG A 66 -0.13 12.57 4.40
C ARG A 66 -0.91 11.33 3.99
N VAL A 67 -0.26 10.17 4.05
CA VAL A 67 -0.91 8.90 3.69
C VAL A 67 -0.75 7.92 4.85
N ILE A 68 -1.82 7.19 5.15
CA ILE A 68 -1.75 6.17 6.20
C ILE A 68 -2.21 4.84 5.60
N HIS A 69 -1.50 3.76 5.95
CA HIS A 69 -1.64 2.43 5.37
C HIS A 69 -1.87 1.40 6.48
N PHE A 70 -3.10 0.91 6.59
CA PHE A 70 -3.48 -0.11 7.55
C PHE A 70 -3.36 -1.51 6.96
N GLY A 71 -3.01 -2.47 7.81
CA GLY A 71 -2.86 -3.84 7.34
C GLY A 71 -1.63 -4.06 6.51
N ALA A 72 -0.54 -3.39 6.86
CA ALA A 72 0.63 -3.33 6.01
C ALA A 72 1.65 -4.42 6.24
N GLY A 73 1.47 -5.23 7.26
CA GLY A 73 2.44 -6.27 7.54
C GLY A 73 2.14 -7.55 6.78
N SER A 74 3.16 -8.38 6.62
CA SER A 74 3.04 -9.69 5.98
C SER A 74 3.44 -10.77 6.97
N ASP A 75 3.11 -12.02 6.63
CA ASP A 75 3.62 -13.13 7.42
C ASP A 75 5.14 -13.20 7.36
N LYS A 76 5.77 -12.55 6.38
CA LYS A 76 7.21 -12.55 6.26
C LYS A 76 7.86 -11.47 7.11
N GLY A 77 7.07 -10.61 7.73
CA GLY A 77 7.63 -9.57 8.57
C GLY A 77 8.14 -8.35 7.83
N VAL A 78 7.74 -8.16 6.57
CA VAL A 78 8.12 -6.98 5.78
C VAL A 78 6.83 -6.31 5.32
N ALA A 79 6.93 -5.24 4.52
CA ALA A 79 5.75 -4.46 4.11
C ALA A 79 5.87 -4.16 2.61
N PRO A 80 5.59 -5.15 1.78
CA PRO A 80 5.71 -4.93 0.32
C PRO A 80 4.81 -3.82 -0.20
N GLY A 81 3.56 -3.78 0.27
CA GLY A 81 2.66 -2.73 -0.13
C GLY A 81 3.15 -1.36 0.24
N THR A 82 3.70 -1.20 1.45
CA THR A 82 4.26 0.10 1.83
C THR A 82 5.39 0.48 0.90
N ALA A 83 6.22 -0.49 0.51
CA ALA A 83 7.32 -0.18 -0.39
C ALA A 83 6.82 0.32 -1.75
N VAL A 84 5.73 -0.26 -2.26
CA VAL A 84 5.16 0.24 -3.52
C VAL A 84 4.57 1.64 -3.33
N LEU A 85 3.86 1.85 -2.22
CA LEU A 85 3.24 3.13 -1.98
C LEU A 85 4.29 4.22 -1.91
N ARG A 86 5.41 3.91 -1.28
CA ARG A 86 6.46 4.93 -1.15
C ARG A 86 7.12 5.22 -2.48
N GLN A 87 7.22 4.21 -3.33
CA GLN A 87 7.71 4.40 -4.70
C GLN A 87 6.77 5.29 -5.49
N TRP A 88 5.47 5.02 -5.36
CA TRP A 88 4.43 5.74 -6.10
C TRP A 88 4.29 7.19 -5.65
N LEU A 89 4.25 7.41 -4.33
CA LEU A 89 3.97 8.74 -3.80
C LEU A 89 5.13 9.70 -4.04
N PRO A 90 4.85 10.99 -4.19
CA PRO A 90 5.95 11.98 -4.34
C PRO A 90 6.96 11.91 -3.20
N THR A 91 8.21 12.12 -3.54
CA THR A 91 9.25 12.12 -2.52
C THR A 91 8.88 13.15 -1.47
N GLY A 92 9.07 12.77 -0.22
CA GLY A 92 8.72 13.62 0.89
C GLY A 92 7.33 13.39 1.41
N THR A 93 6.50 12.62 0.73
CA THR A 93 5.17 12.35 1.27
C THR A 93 5.33 11.66 2.63
N LEU A 94 4.54 12.08 3.60
CA LEU A 94 4.55 11.46 4.92
C LEU A 94 3.73 10.17 4.89
N LEU A 95 4.36 9.02 5.16
CA LEU A 95 3.69 7.73 5.04
C LEU A 95 3.79 7.01 6.39
N VAL A 96 2.63 6.72 6.98
CA VAL A 96 2.51 5.97 8.23
C VAL A 96 1.85 4.64 7.93
N ASP A 97 2.37 3.56 8.51
CA ASP A 97 1.70 2.28 8.32
C ASP A 97 1.53 1.56 9.66
N SER A 98 0.75 0.50 9.62
CA SER A 98 0.32 -0.18 10.83
C SER A 98 -0.13 -1.60 10.52
N ASP A 99 -0.06 -2.45 11.54
CA ASP A 99 -0.54 -3.82 11.44
C ASP A 99 -0.63 -4.35 12.86
N LEU A 100 -1.49 -5.34 13.02
CA LEU A 100 -1.60 -6.08 14.28
C LEU A 100 -0.28 -6.72 14.68
N ASN A 101 0.45 -7.28 13.71
CA ASN A 101 1.67 -8.04 13.94
C ASN A 101 2.92 -7.26 13.58
N ASP A 102 4.03 -7.60 14.22
N ASP A 102 4.03 -7.63 14.21
CA ASP A 102 5.27 -6.86 14.03
CA ASP A 102 5.31 -6.94 14.02
C ASP A 102 5.78 -7.03 12.60
C ASP A 102 5.75 -7.04 12.56
N PHE A 103 6.37 -5.97 12.06
CA PHE A 103 6.97 -6.01 10.73
C PHE A 103 7.93 -4.82 10.61
N VAL A 104 8.84 -4.90 9.64
CA VAL A 104 9.74 -3.80 9.33
C VAL A 104 9.34 -3.17 8.00
N SER A 105 9.40 -1.84 7.96
CA SER A 105 8.74 -1.06 6.93
C SER A 105 9.62 0.10 6.48
N ASP A 106 9.39 0.55 5.25
CA ASP A 106 9.97 1.78 4.70
C ASP A 106 9.13 3.02 5.01
N ALA A 107 8.02 2.87 5.72
CA ALA A 107 7.23 4.01 6.13
C ALA A 107 8.03 4.93 7.05
N ASP A 108 7.63 6.19 7.09
CA ASP A 108 8.25 7.13 8.01
C ASP A 108 7.96 6.76 9.47
N SER A 109 6.80 6.21 9.74
CA SER A 109 6.51 5.70 11.09
C SER A 109 5.58 4.53 10.99
N THR A 110 5.76 3.56 11.88
CA THR A 110 4.99 2.31 11.91
C THR A 110 4.44 2.09 13.32
N LEU A 111 3.16 1.76 13.42
CA LEU A 111 2.53 1.44 14.71
C LEU A 111 2.08 0.00 14.68
N ILE A 112 2.42 -0.77 15.72
CA ILE A 112 2.09 -2.19 15.79
C ILE A 112 1.02 -2.34 16.84
N GLY A 113 -0.08 -2.98 16.47
CA GLY A 113 -1.22 -3.14 17.35
C GLY A 113 -2.51 -3.19 16.54
N ASP A 114 -3.59 -3.55 17.22
CA ASP A 114 -4.92 -3.50 16.62
C ASP A 114 -5.18 -2.07 16.12
N CYS A 115 -5.74 -1.96 14.92
CA CYS A 115 -5.98 -0.63 14.37
C CYS A 115 -6.83 0.20 15.32
N ALA A 116 -7.69 -0.44 16.09
CA ALA A 116 -8.55 0.30 17.02
C ALA A 116 -7.75 1.11 18.04
N THR A 117 -6.50 0.74 18.28
CA THR A 117 -5.65 1.47 19.21
C THR A 117 -4.97 2.68 18.57
N VAL A 118 -5.12 2.88 17.28
CA VAL A 118 -4.37 3.92 16.56
C VAL A 118 -5.13 5.22 16.62
N HIS A 119 -4.43 6.28 17.05
CA HIS A 119 -5.00 7.61 17.07
C HIS A 119 -4.05 8.59 16.40
N THR A 120 -4.63 9.64 15.82
CA THR A 120 -3.81 10.63 15.14
C THR A 120 -4.42 11.99 15.40
N ALA A 121 -3.54 12.96 15.63
CA ALA A 121 -3.98 14.34 15.81
C ALA A 121 -4.45 14.94 14.49
N ASN A 122 -3.87 14.51 13.39
N ASN A 122 -3.79 14.58 13.40
CA ASN A 122 -4.07 15.20 12.13
CA ASN A 122 -3.97 15.20 12.10
C ASN A 122 -4.97 14.40 11.20
C ASN A 122 -5.02 14.46 11.24
N LYS A 123 -5.36 15.07 10.12
CA LYS A 123 -6.19 14.45 9.08
C LYS A 123 -5.27 13.97 7.97
N TRP A 124 -5.81 13.13 7.09
CA TRP A 124 -5.02 12.45 6.06
C TRP A 124 -5.59 12.73 4.67
N ASP A 125 -4.70 12.69 3.68
CA ASP A 125 -5.09 12.91 2.29
C ASP A 125 -5.42 11.61 1.54
N LEU A 126 -4.91 10.48 2.01
CA LEU A 126 -5.14 9.17 1.39
C LEU A 126 -5.07 8.12 2.49
N ILE A 127 -6.08 7.25 2.57
CA ILE A 127 -6.12 6.10 3.46
C ILE A 127 -6.14 4.84 2.62
N ILE A 128 -5.15 3.97 2.80
CA ILE A 128 -5.10 2.64 2.19
C ILE A 128 -5.27 1.57 3.26
N SER A 129 -6.11 0.54 3.00
CA SER A 129 -6.22 -0.58 3.95
C SER A 129 -6.16 -1.89 3.22
N ASP A 130 -5.30 -2.79 3.68
CA ASP A 130 -5.32 -4.17 3.26
C ASP A 130 -5.70 -5.10 4.41
N MET A 131 -6.29 -4.56 5.45
CA MET A 131 -6.63 -5.39 6.61
C MET A 131 -7.58 -6.47 6.16
N TYR A 132 -7.39 -7.66 6.70
CA TYR A 132 -8.12 -8.84 6.28
C TYR A 132 -7.91 -9.95 7.29
N ASP A 133 -8.99 -10.69 7.54
CA ASP A 133 -8.95 -11.90 8.36
C ASP A 133 -9.40 -13.09 7.54
N PRO A 134 -8.49 -14.00 7.15
CA PRO A 134 -8.90 -15.12 6.29
C PRO A 134 -9.95 -16.03 6.92
N LYS A 135 -10.21 -15.94 8.24
CA LYS A 135 -11.31 -16.69 8.84
C LYS A 135 -12.65 -16.31 8.23
N THR A 136 -12.77 -15.10 7.68
CA THR A 136 -14.06 -14.69 7.12
C THR A 136 -14.45 -15.58 5.94
N LYS A 137 -13.48 -16.23 5.30
CA LYS A 137 -13.76 -17.08 4.16
C LYS A 137 -14.35 -18.40 4.69
N ASN A 138 -15.58 -18.32 5.15
CA ASN A 138 -16.29 -19.51 5.60
C ASN A 138 -17.58 -19.64 4.80
N VAL A 139 -17.53 -20.50 3.77
CA VAL A 139 -18.67 -20.73 2.89
C VAL A 139 -19.84 -21.44 3.55
N THR A 140 -19.66 -21.96 4.75
CA THR A 140 -20.71 -22.71 5.43
C THR A 140 -21.65 -21.85 6.27
N LYS A 141 -21.32 -20.58 6.49
CA LYS A 141 -22.17 -19.69 7.27
C LYS A 141 -22.65 -18.53 6.40
N GLU A 142 -23.77 -17.94 6.81
CA GLU A 142 -24.31 -16.78 6.17
C GLU A 142 -23.25 -15.68 6.02
N ASN A 143 -23.37 -14.91 4.97
CA ASN A 143 -22.39 -13.85 4.68
C ASN A 143 -22.99 -12.51 5.08
N ASP A 144 -22.86 -12.15 6.34
N ASP A 144 -22.75 -12.16 6.33
CA ASP A 144 -23.40 -10.89 6.81
CA ASP A 144 -23.21 -10.97 7.01
C ASP A 144 -22.30 -9.83 6.84
C ASP A 144 -22.23 -9.82 6.83
N SER A 145 -22.74 -8.57 6.90
CA SER A 145 -21.82 -7.44 7.00
C SER A 145 -20.95 -7.62 8.24
N LYS A 146 -19.65 -7.37 8.08
CA LYS A 146 -18.69 -7.56 9.17
C LYS A 146 -18.41 -6.22 9.88
N GLU A 147 -18.08 -6.32 11.16
N GLU A 147 -18.11 -6.32 11.16
CA GLU A 147 -17.78 -5.15 11.96
CA GLU A 147 -17.76 -5.11 11.93
C GLU A 147 -16.28 -5.10 12.17
C GLU A 147 -16.25 -5.12 12.16
N GLY A 148 -15.81 -5.31 13.40
CA GLY A 148 -14.38 -5.40 13.65
C GLY A 148 -13.64 -4.21 13.06
N PHE A 149 -12.52 -4.45 12.35
CA PHE A 149 -11.75 -3.31 11.85
C PHE A 149 -12.54 -2.45 10.87
N PHE A 150 -13.63 -2.96 10.28
CA PHE A 150 -14.40 -2.10 9.39
C PHE A 150 -15.08 -0.99 10.18
N THR A 151 -15.48 -1.27 11.42
CA THR A 151 -16.09 -0.21 12.20
C THR A 151 -15.07 0.89 12.46
N TYR A 152 -13.85 0.51 12.80
CA TYR A 152 -12.80 1.49 12.97
C TYR A 152 -12.59 2.31 11.70
N ILE A 153 -12.50 1.63 10.55
CA ILE A 153 -12.24 2.33 9.30
C ILE A 153 -13.32 3.36 9.00
N CYS A 154 -14.59 2.99 9.16
CA CYS A 154 -15.64 3.96 8.87
C CYS A 154 -15.51 5.20 9.76
N GLY A 155 -15.27 5.00 11.05
CA GLY A 155 -15.12 6.18 11.91
C GLY A 155 -13.87 6.95 11.55
N PHE A 156 -12.79 6.25 11.22
CA PHE A 156 -11.54 6.96 10.94
C PHE A 156 -11.68 7.85 9.72
N ILE A 157 -12.37 7.36 8.70
CA ILE A 157 -12.65 8.17 7.52
C ILE A 157 -13.46 9.40 7.91
N GLN A 158 -14.55 9.22 8.65
CA GLN A 158 -15.42 10.36 8.94
C GLN A 158 -14.74 11.38 9.83
N GLN A 159 -13.84 10.95 10.72
CA GLN A 159 -13.16 11.84 11.64
C GLN A 159 -11.83 12.39 11.12
N LYS A 160 -11.07 11.61 10.37
CA LYS A 160 -9.68 11.95 10.05
C LYS A 160 -9.34 12.00 8.57
N LEU A 161 -10.29 11.85 7.65
CA LEU A 161 -9.96 12.04 6.24
C LEU A 161 -10.24 13.50 5.84
N ALA A 162 -9.24 14.15 5.27
CA ALA A 162 -9.44 15.50 4.78
C ALA A 162 -10.50 15.52 3.70
N LEU A 163 -11.28 16.61 3.66
CA LEU A 163 -12.12 16.82 2.50
C LEU A 163 -11.24 16.89 1.28
N GLY A 164 -11.68 16.26 0.19
CA GLY A 164 -10.86 16.13 -0.98
C GLY A 164 -10.03 14.87 -1.00
N GLY A 165 -9.85 14.20 0.13
CA GLY A 165 -9.01 13.03 0.17
C GLY A 165 -9.71 11.79 -0.37
N SER A 166 -8.95 10.71 -0.46
CA SER A 166 -9.47 9.48 -1.07
C SER A 166 -9.06 8.29 -0.24
N VAL A 167 -9.77 7.17 -0.50
CA VAL A 167 -9.47 5.92 0.18
C VAL A 167 -9.45 4.76 -0.81
N ALA A 168 -8.74 3.71 -0.43
CA ALA A 168 -8.80 2.39 -1.10
C ALA A 168 -8.76 1.34 0.01
N ILE A 169 -9.87 0.64 0.21
CA ILE A 169 -10.05 -0.30 1.33
C ILE A 169 -10.33 -1.68 0.75
N LYS A 170 -9.48 -2.65 1.09
N LYS A 170 -9.46 -2.65 1.07
CA LYS A 170 -9.64 -4.00 0.55
CA LYS A 170 -9.65 -3.99 0.53
C LYS A 170 -10.84 -4.69 1.14
C LYS A 170 -10.89 -4.64 1.14
N ILE A 171 -11.66 -5.31 0.27
CA ILE A 171 -12.78 -6.15 0.65
C ILE A 171 -12.64 -7.46 -0.12
N THR A 172 -13.51 -8.40 0.24
CA THR A 172 -13.64 -9.66 -0.46
C THR A 172 -15.13 -10.05 -0.41
N GLU A 173 -15.45 -11.23 -0.93
CA GLU A 173 -16.82 -11.71 -0.81
C GLU A 173 -17.32 -11.68 0.63
N HIS A 174 -16.51 -12.20 1.55
CA HIS A 174 -16.93 -12.26 2.94
C HIS A 174 -16.39 -11.15 3.82
N SER A 175 -15.32 -10.46 3.40
CA SER A 175 -14.78 -9.36 4.22
C SER A 175 -15.29 -8.05 3.65
N TRP A 176 -16.37 -7.55 4.22
CA TRP A 176 -17.02 -6.35 3.75
C TRP A 176 -17.90 -5.79 4.86
N ASN A 177 -18.37 -4.57 4.64
CA ASN A 177 -19.14 -3.82 5.63
C ASN A 177 -20.11 -2.92 4.91
N ALA A 178 -21.38 -2.95 5.34
CA ALA A 178 -22.41 -2.19 4.64
C ALA A 178 -22.23 -0.70 4.82
N ASP A 179 -21.84 -0.27 6.03
CA ASP A 179 -21.66 1.18 6.23
C ASP A 179 -20.51 1.74 5.40
N LEU A 180 -19.49 0.93 5.15
CA LEU A 180 -18.39 1.39 4.32
C LEU A 180 -18.85 1.66 2.89
N TYR A 181 -19.70 0.79 2.35
CA TYR A 181 -20.32 1.08 1.08
C TYR A 181 -21.18 2.35 1.15
N LYS A 182 -22.00 2.47 2.19
CA LYS A 182 -22.79 3.69 2.34
C LYS A 182 -21.89 4.92 2.34
N LEU A 183 -20.73 4.80 2.98
CA LEU A 183 -19.82 5.94 3.04
C LEU A 183 -19.22 6.26 1.68
N MET A 184 -19.17 5.30 0.75
CA MET A 184 -18.75 5.64 -0.61
C MET A 184 -19.65 6.72 -1.22
N GLY A 185 -20.92 6.80 -0.81
CA GLY A 185 -21.74 7.89 -1.33
C GLY A 185 -21.42 9.26 -0.78
N HIS A 186 -20.40 9.37 0.08
CA HIS A 186 -19.92 10.63 0.64
C HIS A 186 -18.69 11.15 -0.10
N PHE A 187 -18.30 10.47 -1.20
CA PHE A 187 -17.23 10.90 -2.08
C PHE A 187 -17.84 11.38 -3.41
N ALA A 188 -17.09 12.18 -4.14
CA ALA A 188 -17.56 12.63 -5.45
C ALA A 188 -17.74 11.47 -6.42
N TRP A 189 -16.99 10.40 -6.23
CA TRP A 189 -17.07 9.21 -7.07
C TRP A 189 -16.54 8.02 -6.29
N TRP A 190 -16.92 6.83 -6.72
CA TRP A 190 -16.45 5.63 -6.04
C TRP A 190 -16.48 4.43 -7.00
N THR A 191 -15.71 3.41 -6.68
CA THR A 191 -15.82 2.18 -7.44
C THR A 191 -15.26 1.03 -6.61
N ALA A 192 -15.38 -0.18 -7.18
CA ALA A 192 -14.75 -1.39 -6.64
C ALA A 192 -13.78 -1.86 -7.73
N PHE A 193 -12.49 -1.91 -7.39
CA PHE A 193 -11.45 -2.14 -8.37
C PHE A 193 -10.79 -3.48 -8.10
N VAL A 194 -10.71 -4.30 -9.13
CA VAL A 194 -10.13 -5.64 -9.06
C VAL A 194 -8.82 -5.62 -9.82
N THR A 195 -7.72 -5.99 -9.17
CA THR A 195 -6.45 -6.01 -9.89
C THR A 195 -6.44 -7.16 -10.88
N ASN A 196 -5.79 -6.95 -12.02
CA ASN A 196 -5.72 -8.06 -12.98
C ASN A 196 -4.83 -9.21 -12.51
N VAL A 197 -3.83 -8.95 -11.65
CA VAL A 197 -3.02 -10.06 -11.20
C VAL A 197 -3.74 -10.96 -10.22
N ASN A 198 -4.77 -10.47 -9.54
CA ASN A 198 -5.48 -11.25 -8.54
C ASN A 198 -6.95 -11.43 -8.90
N ALA A 199 -7.26 -11.37 -10.20
CA ALA A 199 -8.63 -11.43 -10.66
C ALA A 199 -9.33 -12.74 -10.37
N SER A 200 -8.60 -13.78 -10.01
CA SER A 200 -9.21 -15.05 -9.64
C SER A 200 -9.78 -15.03 -8.24
N SER A 201 -9.59 -13.94 -7.50
CA SER A 201 -10.11 -13.80 -6.15
C SER A 201 -11.28 -12.83 -6.12
N SER A 202 -12.17 -13.00 -5.14
CA SER A 202 -13.27 -12.07 -4.93
C SER A 202 -12.80 -10.76 -4.28
N GLU A 203 -11.49 -10.65 -4.00
CA GLU A 203 -10.94 -9.37 -3.54
C GLU A 203 -11.29 -8.22 -4.47
N ALA A 204 -11.54 -7.06 -3.88
CA ALA A 204 -11.48 -5.80 -4.61
C ALA A 204 -11.02 -4.72 -3.66
N PHE A 205 -10.66 -3.55 -4.23
CA PHE A 205 -10.41 -2.34 -3.45
C PHE A 205 -11.58 -1.41 -3.65
N LEU A 206 -12.29 -1.12 -2.56
CA LEU A 206 -13.36 -0.14 -2.58
C LEU A 206 -12.70 1.23 -2.53
N ILE A 207 -12.85 2.01 -3.60
CA ILE A 207 -12.16 3.29 -3.76
C ILE A 207 -13.19 4.42 -3.65
N GLY A 208 -12.95 5.34 -2.73
CA GLY A 208 -13.74 6.55 -2.62
C GLY A 208 -12.83 7.67 -3.05
N CYS A 209 -13.26 8.44 -4.07
CA CYS A 209 -12.43 9.44 -4.73
C CYS A 209 -13.00 10.83 -4.43
N ASN A 210 -12.23 11.64 -3.68
CA ASN A 210 -12.55 13.02 -3.31
C ASN A 210 -13.69 13.12 -2.29
N TYR A 211 -13.32 13.06 -1.01
CA TYR A 211 -14.25 13.03 0.11
C TYR A 211 -14.95 14.37 0.28
N LEU A 212 -16.28 14.32 0.43
CA LEU A 212 -17.10 15.52 0.55
C LEU A 212 -17.63 15.73 1.96
N GLY A 213 -17.51 14.75 2.85
CA GLY A 213 -17.94 14.93 4.22
C GLY A 213 -19.42 14.90 4.45
N LYS A 214 -20.20 14.56 3.44
CA LYS A 214 -21.64 14.49 3.52
C LYS A 214 -22.13 13.60 2.40
N PRO A 215 -23.33 13.06 2.50
CA PRO A 215 -23.85 12.17 1.46
C PRO A 215 -24.16 12.96 0.20
N ARG A 216 -23.54 12.55 -0.88
CA ARG A 216 -23.94 12.97 -2.21
C ARG A 216 -24.98 12.03 -2.77
N GLU A 217 -24.97 10.78 -2.32
CA GLU A 217 -25.82 9.71 -2.80
C GLU A 217 -26.09 8.79 -1.62
N GLN A 218 -27.31 8.31 -1.51
CA GLN A 218 -27.68 7.37 -0.47
C GLN A 218 -27.49 5.96 -1.01
N ILE A 219 -26.54 5.23 -0.43
CA ILE A 219 -26.21 3.88 -0.85
C ILE A 219 -26.66 2.92 0.23
N ASP A 220 -27.40 1.88 -0.16
CA ASP A 220 -27.65 0.74 0.70
C ASP A 220 -26.50 -0.25 0.53
N GLY A 221 -25.72 -0.42 1.58
CA GLY A 221 -24.50 -1.22 1.49
C GLY A 221 -24.73 -2.71 1.34
N TYR A 222 -25.86 -3.22 1.87
CA TYR A 222 -26.17 -4.63 1.65
C TYR A 222 -26.47 -4.88 0.18
N VAL A 223 -27.27 -4.00 -0.43
CA VAL A 223 -27.58 -4.12 -1.85
C VAL A 223 -26.32 -3.89 -2.69
N MET A 224 -25.49 -2.91 -2.32
CA MET A 224 -24.35 -2.63 -3.16
C MET A 224 -23.37 -3.81 -3.18
N HIS A 225 -23.20 -4.48 -2.03
CA HIS A 225 -22.27 -5.61 -2.04
C HIS A 225 -22.85 -6.75 -2.87
N ALA A 226 -24.17 -6.90 -2.85
CA ALA A 226 -24.80 -7.91 -3.68
C ALA A 226 -24.59 -7.56 -5.13
N ASN A 227 -24.67 -6.25 -5.45
CA ASN A 227 -24.40 -5.81 -6.80
C ASN A 227 -22.97 -6.13 -7.20
N TYR A 228 -22.01 -5.87 -6.31
CA TYR A 228 -20.60 -6.16 -6.58
C TYR A 228 -20.40 -7.64 -6.90
N ILE A 229 -20.98 -8.51 -6.08
CA ILE A 229 -20.85 -9.95 -6.29
C ILE A 229 -21.53 -10.37 -7.60
N PHE A 230 -22.69 -9.80 -7.89
CA PHE A 230 -23.34 -10.12 -9.16
C PHE A 230 -22.41 -9.81 -10.33
N TRP A 231 -21.77 -8.63 -10.29
CA TRP A 231 -20.81 -8.25 -11.33
C TRP A 231 -19.70 -9.28 -11.42
N ARG A 232 -19.07 -9.60 -10.28
CA ARG A 232 -17.97 -10.55 -10.31
C ARG A 232 -18.44 -11.91 -10.83
N ASN A 233 -19.66 -12.33 -10.43
CA ASN A 233 -20.16 -13.65 -10.80
C ASN A 233 -20.43 -13.77 -12.30
N THR A 234 -20.74 -12.65 -12.98
CA THR A 234 -21.14 -12.72 -14.37
C THR A 234 -20.11 -12.13 -15.30
N ASN A 235 -18.98 -11.63 -14.79
CA ASN A 235 -17.94 -11.03 -15.61
C ASN A 235 -16.58 -11.59 -15.26
N PRO A 236 -16.24 -12.74 -15.79
CA PRO A 236 -14.89 -13.28 -15.56
C PRO A 236 -13.86 -12.28 -16.01
N ILE A 237 -12.82 -12.13 -15.22
CA ILE A 237 -11.71 -11.24 -15.53
C ILE A 237 -10.49 -12.09 -15.83
N GLN A 238 -9.91 -11.89 -17.01
CA GLN A 238 -8.71 -12.64 -17.40
C GLN A 238 -7.53 -12.21 -16.55
N LEU A 239 -6.89 -13.19 -15.92
CA LEU A 239 -5.68 -12.91 -15.16
C LEU A 239 -4.64 -12.27 -16.06
N SER A 240 -3.99 -11.21 -15.58
CA SER A 240 -3.00 -10.53 -16.41
C SER A 240 -1.99 -9.79 -15.54
N SER A 241 -0.73 -9.90 -15.92
CA SER A 241 0.38 -9.12 -15.36
C SER A 241 0.97 -8.13 -16.36
N TYR A 242 0.32 -7.93 -17.51
N TYR A 242 0.33 -7.93 -17.52
CA TYR A 242 0.86 -7.08 -18.57
CA TYR A 242 0.90 -7.07 -18.56
C TYR A 242 1.25 -5.70 -18.08
C TYR A 242 1.29 -5.70 -18.02
N SER A 243 0.37 -5.04 -17.31
CA SER A 243 0.62 -3.67 -16.90
C SER A 243 1.89 -3.54 -16.06
N LEU A 244 2.36 -4.61 -15.44
CA LEU A 244 3.54 -4.54 -14.58
C LEU A 244 4.81 -4.23 -15.36
N PHE A 245 4.83 -4.55 -16.65
CA PHE A 245 6.04 -4.41 -17.45
C PHE A 245 6.27 -3.00 -17.98
N ASP A 246 5.35 -2.06 -17.76
CA ASP A 246 5.54 -0.67 -18.17
C ASP A 246 5.36 0.26 -16.98
N MET A 247 6.47 0.65 -16.38
CA MET A 247 6.48 1.49 -15.21
C MET A 247 6.90 2.93 -15.53
N SER A 248 6.94 3.30 -16.82
CA SER A 248 7.49 4.61 -17.18
C SER A 248 6.64 5.75 -16.65
N LYS A 249 5.33 5.57 -16.54
CA LYS A 249 4.46 6.61 -16.03
C LYS A 249 3.91 6.27 -14.63
N PHE A 250 4.63 5.47 -13.87
CA PHE A 250 4.09 5.02 -12.60
C PHE A 250 3.95 6.10 -11.53
N PRO A 251 4.95 6.96 -11.35
CA PRO A 251 4.91 7.89 -10.21
C PRO A 251 3.68 8.77 -10.19
N LEU A 252 3.13 8.95 -9.01
CA LEU A 252 1.99 9.86 -8.86
C LEU A 252 2.48 11.28 -9.13
N LYS A 253 1.78 12.00 -9.98
CA LYS A 253 2.16 13.38 -10.30
C LYS A 253 1.97 14.27 -9.08
N LEU A 254 3.01 15.03 -8.72
CA LEU A 254 2.89 15.99 -7.63
C LEU A 254 2.15 17.20 -8.20
N ARG A 255 0.85 17.26 -7.92
CA ARG A 255 0.00 18.32 -8.44
C ARG A 255 0.08 19.60 -7.61
N GLY A 256 0.65 19.54 -6.41
CA GLY A 256 0.68 20.71 -5.55
C GLY A 256 -0.69 21.20 -5.19
N THR A 257 -1.67 20.29 -5.10
CA THR A 257 -3.04 20.67 -4.80
C THR A 257 -3.10 21.59 -3.60
N ALA A 258 -3.98 22.58 -3.67
CA ALA A 258 -4.10 23.54 -2.58
C ALA A 258 -4.69 22.92 -1.33
N VAL A 259 -4.16 23.32 -0.17
CA VAL A 259 -4.66 22.93 1.14
C VAL A 259 -5.17 24.18 1.85
N MET A 260 -6.42 24.14 2.27
CA MET A 260 -7.01 25.23 3.03
C MET A 260 -7.63 24.70 4.30
N SER A 261 -7.66 25.54 5.32
CA SER A 261 -8.40 25.24 6.55
C SER A 261 -9.68 26.06 6.52
N LEU A 262 -10.82 25.37 6.61
CA LEU A 262 -12.12 26.01 6.53
C LEU A 262 -13.04 25.34 7.56
N LYS A 263 -14.06 26.06 7.98
CA LYS A 263 -15.05 25.59 8.94
C LYS A 263 -16.32 25.21 8.20
N GLU A 264 -17.14 24.36 8.84
CA GLU A 264 -18.31 23.81 8.17
C GLU A 264 -19.09 24.87 7.37
N GLY A 265 -19.38 26.00 8.00
CA GLY A 265 -20.18 27.01 7.33
C GLY A 265 -19.54 27.59 6.07
N GLN A 266 -18.27 27.31 5.84
CA GLN A 266 -17.54 27.88 4.71
C GLN A 266 -17.57 26.99 3.47
N ILE A 267 -17.98 25.73 3.61
CA ILE A 267 -17.97 24.78 2.48
C ILE A 267 -19.20 25.04 1.62
N ASN A 268 -19.10 26.01 0.72
CA ASN A 268 -20.16 26.33 -0.21
C ASN A 268 -20.11 25.37 -1.40
N ASP A 269 -20.92 25.63 -2.42
CA ASP A 269 -20.97 24.75 -3.57
C ASP A 269 -19.77 24.92 -4.49
N MET A 270 -19.17 26.12 -4.51
CA MET A 270 -17.95 26.30 -5.29
C MET A 270 -16.80 25.50 -4.69
N ILE A 271 -16.71 25.48 -3.37
CA ILE A 271 -15.72 24.65 -2.68
C ILE A 271 -16.00 23.18 -2.96
N LEU A 272 -17.25 22.79 -2.76
CA LEU A 272 -17.67 21.42 -3.02
C LEU A 272 -17.31 21.00 -4.43
N SER A 273 -17.36 21.92 -5.39
CA SER A 273 -17.05 21.57 -6.77
C SER A 273 -15.55 21.40 -6.94
N LEU A 274 -14.76 22.26 -6.28
CA LEU A 274 -13.32 22.12 -6.33
C LEU A 274 -12.91 20.80 -5.68
N LEU A 275 -13.53 20.46 -4.56
CA LEU A 275 -13.25 19.20 -3.89
C LEU A 275 -13.51 18.03 -4.83
N SER A 276 -14.65 18.07 -5.52
CA SER A 276 -15.09 17.01 -6.40
C SER A 276 -14.17 16.80 -7.58
N LYS A 277 -13.41 17.83 -7.95
CA LYS A 277 -12.52 17.79 -9.10
C LYS A 277 -11.10 17.43 -8.74
N GLY A 278 -10.80 17.17 -7.49
CA GLY A 278 -9.44 16.84 -7.12
C GLY A 278 -8.56 18.07 -7.05
N ARG A 279 -9.14 19.23 -6.83
CA ARG A 279 -8.42 20.49 -6.91
C ARG A 279 -8.25 21.13 -5.54
N LEU A 280 -8.70 20.49 -4.47
CA LEU A 280 -8.62 21.11 -3.15
C LEU A 280 -8.60 20.07 -2.05
N ILE A 281 -7.82 20.35 -1.01
CA ILE A 281 -7.80 19.58 0.23
C ILE A 281 -8.14 20.53 1.38
N ILE A 282 -9.03 20.10 2.27
CA ILE A 282 -9.40 20.92 3.42
C ILE A 282 -9.04 20.17 4.68
N ARG A 283 -8.09 20.73 5.42
CA ARG A 283 -7.60 20.22 6.69
C ARG A 283 -6.61 21.24 7.25
N GLU A 284 -6.42 21.18 8.56
CA GLU A 284 -5.23 21.75 9.19
C GLU A 284 -3.97 21.26 8.50
N ASN A 285 -2.95 22.11 8.49
CA ASN A 285 -1.63 21.78 7.95
C ASN A 285 -0.59 21.74 9.06
N ASN A 286 -0.99 21.22 10.21
CA ASN A 286 -0.10 21.15 11.36
C ASN A 286 0.83 19.94 11.27
N ARG A 287 1.61 19.75 12.33
CA ARG A 287 2.52 18.62 12.41
C ARG A 287 1.74 17.32 12.55
N VAL A 288 2.29 16.26 11.99
CA VAL A 288 1.66 14.95 12.03
C VAL A 288 2.09 14.22 13.29
N VAL A 289 1.12 13.88 14.13
CA VAL A 289 1.36 13.20 15.40
C VAL A 289 0.42 12.02 15.51
N ILE A 290 0.98 10.86 15.84
CA ILE A 290 0.24 9.62 15.93
C ILE A 290 0.57 8.93 17.24
N SER A 291 -0.28 7.97 17.62
CA SER A 291 0.02 7.15 18.79
C SER A 291 -0.76 5.87 18.74
N SER A 292 -0.31 4.91 19.56
CA SER A 292 -1.01 3.66 19.77
C SER A 292 -1.31 3.46 21.25
N ASP A 293 -2.59 3.21 21.57
CA ASP A 293 -2.97 2.94 22.95
C ASP A 293 -2.40 1.59 23.37
N VAL A 294 -1.83 1.53 24.57
CA VAL A 294 -1.21 0.31 25.11
C VAL A 294 -1.96 -0.07 26.38
N LEU A 295 -2.52 -1.28 26.41
CA LEU A 295 -3.18 -1.79 27.59
C LEU A 295 -2.14 -2.28 28.57
N VAL A 296 -2.20 -1.82 29.83
CA VAL A 296 -1.24 -2.22 30.85
C VAL A 296 -1.88 -3.25 31.78
N ASN A 297 -1.16 -4.35 32.02
CA ASN A 297 -1.59 -5.41 32.91
C ASN A 297 -0.39 -5.95 33.68
N ASN A 298 -0.63 -6.33 34.93
CA ASN A 298 0.38 -6.96 35.78
C ASN A 298 -0.22 -8.27 36.29
N GLU A 299 0.31 -9.40 35.80
CA GLU A 299 -0.19 -10.72 36.14
C GLU A 299 0.79 -11.49 37.03
N ASN A 300 1.52 -10.78 37.89
CA ASN A 300 2.38 -11.40 38.89
C ASN A 300 1.54 -11.80 40.11
N LEU A 301 1.97 -12.89 40.77
CA LEU A 301 1.23 -13.58 41.84
C LEU A 301 -0.26 -13.23 41.87
N PHE B 20 30.84 -5.72 25.65
CA PHE B 20 30.21 -6.82 24.91
C PHE B 20 29.09 -6.30 24.00
N ALA B 21 29.02 -6.86 22.80
CA ALA B 21 28.01 -6.50 21.82
C ALA B 21 27.98 -7.54 20.70
N VAL B 22 26.80 -8.03 20.38
CA VAL B 22 26.66 -8.98 19.29
C VAL B 22 27.23 -8.36 18.02
N ASP B 23 27.92 -9.16 17.21
CA ASP B 23 28.41 -8.73 15.91
C ASP B 23 27.61 -9.46 14.83
N ALA B 24 26.38 -8.99 14.61
CA ALA B 24 25.49 -9.65 13.66
C ALA B 24 26.07 -9.74 12.26
N ALA B 25 26.77 -8.69 11.81
CA ALA B 25 27.36 -8.69 10.48
C ALA B 25 28.26 -9.90 10.28
N LYS B 26 29.25 -10.06 11.16
CA LYS B 26 30.17 -11.19 11.07
C LYS B 26 29.42 -12.52 11.09
N ALA B 27 28.39 -12.62 11.93
CA ALA B 27 27.64 -13.87 12.07
C ALA B 27 27.00 -14.27 10.75
N TYR B 28 26.37 -13.33 10.06
CA TYR B 28 25.74 -13.63 8.78
C TYR B 28 26.81 -14.02 7.76
N LYS B 29 27.90 -13.27 7.71
CA LYS B 29 29.02 -13.61 6.82
C LYS B 29 29.52 -15.03 7.07
N ASP B 30 29.72 -15.38 8.35
CA ASP B 30 30.15 -16.74 8.67
C ASP B 30 29.06 -17.76 8.38
N TYR B 31 27.80 -17.40 8.68
CA TYR B 31 26.68 -18.30 8.38
C TYR B 31 26.60 -18.57 6.88
N LEU B 32 26.88 -17.55 6.06
CA LEU B 32 26.85 -17.72 4.61
C LEU B 32 27.99 -18.61 4.15
N ALA B 33 29.20 -18.36 4.68
CA ALA B 33 30.34 -19.20 4.35
C ALA B 33 30.14 -20.64 4.83
N SER B 34 29.45 -20.82 5.96
CA SER B 34 29.11 -22.16 6.42
C SER B 34 28.14 -22.87 5.49
N GLY B 35 27.62 -22.19 4.48
CA GLY B 35 26.61 -22.76 3.60
C GLY B 35 25.17 -22.41 3.95
N GLY B 36 24.95 -21.37 4.76
CA GLY B 36 23.60 -21.01 5.13
C GLY B 36 22.83 -20.34 4.01
N GLN B 37 21.53 -20.56 4.00
CA GLN B 37 20.66 -20.00 2.96
C GLN B 37 20.50 -18.49 3.16
N PRO B 38 20.69 -17.67 2.12
CA PRO B 38 20.63 -16.21 2.32
C PRO B 38 19.26 -15.74 2.79
N ILE B 39 19.25 -14.63 3.53
CA ILE B 39 18.01 -13.99 3.95
C ILE B 39 17.12 -13.78 2.74
N THR B 40 15.85 -14.20 2.87
CA THR B 40 14.89 -14.12 1.80
C THR B 40 13.83 -13.07 2.11
N ASN B 41 12.86 -12.96 1.21
CA ASN B 41 11.73 -12.03 1.35
C ASN B 41 12.17 -10.58 1.33
N CYS B 42 13.34 -10.30 0.78
CA CYS B 42 13.65 -8.93 0.42
C CYS B 42 12.65 -8.49 -0.66
N VAL B 43 12.23 -7.23 -0.59
CA VAL B 43 11.09 -6.75 -1.39
C VAL B 43 11.62 -6.16 -2.70
N LYS B 44 11.50 -6.93 -3.77
CA LYS B 44 11.92 -6.45 -5.08
C LYS B 44 10.81 -5.62 -5.73
N MET B 45 11.21 -4.52 -6.32
CA MET B 45 10.32 -3.51 -6.87
C MET B 45 10.15 -3.73 -8.37
N LEU B 46 8.98 -3.39 -8.91
CA LEU B 46 8.83 -3.24 -10.34
C LEU B 46 9.39 -1.87 -10.72
N CYS B 47 10.20 -1.83 -11.78
CA CYS B 47 10.71 -0.54 -12.23
C CYS B 47 11.08 -0.65 -13.71
N THR B 48 11.54 0.47 -14.27
CA THR B 48 11.89 0.51 -15.70
C THR B 48 13.21 -0.19 -15.98
N HIS B 49 14.12 -0.21 -15.01
CA HIS B 49 15.48 -0.68 -15.25
C HIS B 49 16.19 0.19 -16.28
N THR B 50 15.84 1.47 -16.28
CA THR B 50 16.55 2.51 -17.04
C THR B 50 17.01 3.63 -16.13
N GLY B 51 17.30 3.32 -14.86
CA GLY B 51 17.63 4.32 -13.88
C GLY B 51 19.12 4.60 -13.82
N THR B 52 19.51 5.44 -12.87
CA THR B 52 20.89 5.91 -12.79
C THR B 52 21.85 4.81 -12.38
N GLY B 53 21.38 3.78 -11.72
CA GLY B 53 22.25 2.73 -11.27
C GLY B 53 22.99 3.01 -9.98
N GLN B 54 22.73 4.14 -9.34
CA GLN B 54 23.31 4.44 -8.04
C GLN B 54 22.80 3.47 -6.98
N ALA B 55 23.54 3.40 -5.87
CA ALA B 55 23.39 2.29 -4.95
C ALA B 55 22.16 2.43 -4.07
N ILE B 56 21.94 3.63 -3.50
CA ILE B 56 20.88 3.85 -2.51
C ILE B 56 20.19 5.15 -2.87
N THR B 57 18.90 5.07 -3.19
CA THR B 57 18.18 6.18 -3.80
C THR B 57 16.82 6.34 -3.15
N VAL B 58 16.17 7.49 -3.40
CA VAL B 58 14.87 7.76 -2.80
C VAL B 58 13.75 7.07 -3.56
N THR B 59 14.03 6.56 -4.75
CA THR B 59 13.07 5.84 -5.58
C THR B 59 13.87 4.83 -6.37
N PRO B 60 13.22 3.76 -6.87
CA PRO B 60 13.99 2.75 -7.59
C PRO B 60 14.78 3.33 -8.76
N GLU B 61 16.03 2.91 -8.87
CA GLU B 61 16.93 3.43 -9.89
C GLU B 61 17.74 2.31 -10.52
N ALA B 62 17.25 1.07 -10.50
CA ALA B 62 17.97 0.01 -11.17
C ALA B 62 18.20 0.36 -12.64
N ASN B 63 19.38 0.02 -13.14
CA ASN B 63 19.64 0.00 -14.57
C ASN B 63 19.43 -1.41 -15.11
N MET B 64 19.90 -1.65 -16.35
CA MET B 64 19.66 -2.93 -17.00
C MET B 64 20.26 -4.09 -16.24
N ASP B 65 21.31 -3.81 -15.46
CA ASP B 65 22.10 -4.84 -14.81
C ASP B 65 21.74 -5.00 -13.34
N GLN B 66 20.67 -4.37 -12.89
CA GLN B 66 20.36 -4.31 -11.46
C GLN B 66 18.90 -4.60 -11.20
N GLU B 67 18.63 -4.99 -9.96
CA GLU B 67 17.30 -5.03 -9.36
C GLU B 67 17.24 -4.00 -8.25
N SER B 68 16.05 -3.45 -8.04
CA SER B 68 15.80 -2.51 -6.97
C SER B 68 14.93 -3.15 -5.91
N PHE B 69 15.28 -2.90 -4.65
CA PHE B 69 14.60 -3.48 -3.50
C PHE B 69 14.23 -2.41 -2.49
N GLY B 70 13.12 -2.62 -1.82
CA GLY B 70 12.81 -1.79 -0.65
C GLY B 70 13.92 -1.92 0.39
N GLY B 71 14.39 -0.78 0.91
CA GLY B 71 15.61 -0.77 1.70
C GLY B 71 15.50 -1.50 3.04
N ALA B 72 14.42 -1.22 3.78
CA ALA B 72 14.26 -1.87 5.08
C ALA B 72 14.42 -3.38 4.97
N SER B 73 13.81 -3.98 3.96
CA SER B 73 13.83 -5.43 3.84
C SER B 73 15.21 -6.00 3.51
N CYS B 74 16.16 -5.13 3.14
CA CYS B 74 17.53 -5.51 2.83
C CYS B 74 18.51 -5.16 3.95
N CYS B 75 18.04 -4.57 5.03
CA CYS B 75 18.91 -4.13 6.13
C CYS B 75 18.97 -5.22 7.18
N LEU B 76 20.19 -5.74 7.42
CA LEU B 76 20.35 -6.82 8.39
C LEU B 76 19.77 -6.43 9.75
N TYR B 77 19.99 -5.19 10.16
CA TYR B 77 19.57 -4.75 11.49
C TYR B 77 18.06 -4.61 11.58
N CYS B 78 17.46 -3.96 10.57
CA CYS B 78 16.00 -3.94 10.47
C CYS B 78 15.45 -5.36 10.56
N ARG B 79 15.96 -6.26 9.69
CA ARG B 79 15.33 -7.56 9.51
C ARG B 79 15.52 -8.46 10.73
N CYS B 80 16.58 -8.25 11.49
CA CYS B 80 16.86 -9.08 12.66
C CYS B 80 16.48 -8.42 13.97
N HIS B 81 15.92 -7.21 13.93
CA HIS B 81 15.38 -6.57 15.13
C HIS B 81 16.51 -6.31 16.12
N ILE B 82 17.57 -5.70 15.62
CA ILE B 82 18.76 -5.42 16.41
C ILE B 82 19.15 -3.98 16.16
N ASP B 83 19.91 -3.43 17.10
CA ASP B 83 20.28 -2.02 17.05
C ASP B 83 21.19 -1.77 15.86
N HIS B 84 21.08 -0.56 15.31
CA HIS B 84 21.86 -0.29 14.10
C HIS B 84 23.29 0.09 14.47
N PRO B 85 24.28 -0.31 13.65
CA PRO B 85 25.68 -0.04 13.95
C PRO B 85 26.02 1.43 13.78
N ASN B 86 25.45 2.25 14.62
CA ASN B 86 25.60 3.69 14.51
C ASN B 86 25.24 4.27 15.87
N PRO B 87 26.07 5.13 16.47
CA PRO B 87 25.64 5.77 17.73
C PRO B 87 24.29 6.45 17.59
N LYS B 88 23.99 6.92 16.37
CA LYS B 88 22.68 7.48 16.07
C LYS B 88 21.62 6.39 15.95
N GLY B 89 22.04 5.18 15.55
CA GLY B 89 21.13 4.12 15.23
C GLY B 89 20.33 4.33 13.98
N PHE B 90 20.69 5.33 13.17
CA PHE B 90 20.00 5.64 11.93
C PHE B 90 20.21 4.51 10.93
N CYS B 91 19.17 4.23 10.14
CA CYS B 91 19.23 3.18 9.14
C CYS B 91 19.48 3.77 7.76
N ASP B 92 20.61 3.44 7.16
CA ASP B 92 20.90 3.99 5.85
C ASP B 92 19.90 3.51 4.79
N LEU B 93 19.24 2.36 5.00
CA LEU B 93 18.45 1.75 3.93
C LEU B 93 16.95 1.96 4.09
N LYS B 94 16.43 1.90 5.32
CA LYS B 94 15.00 2.06 5.57
C LYS B 94 14.47 3.33 4.91
N GLY B 95 13.35 3.19 4.21
CA GLY B 95 12.71 4.31 3.58
C GLY B 95 13.29 4.72 2.24
N LYS B 96 14.34 4.04 1.79
CA LYS B 96 15.00 4.25 0.52
C LYS B 96 14.92 2.96 -0.30
N TYR B 97 15.56 2.94 -1.46
CA TYR B 97 15.64 1.76 -2.32
C TYR B 97 17.11 1.45 -2.56
N VAL B 98 17.43 0.17 -2.54
CA VAL B 98 18.80 -0.29 -2.76
C VAL B 98 18.83 -1.02 -4.10
N GLN B 99 19.80 -0.65 -4.93
CA GLN B 99 20.05 -1.32 -6.19
C GLN B 99 21.09 -2.40 -6.01
N ILE B 100 20.78 -3.60 -6.47
CA ILE B 100 21.62 -4.77 -6.31
C ILE B 100 21.92 -5.31 -7.70
N PRO B 101 23.19 -5.58 -8.04
CA PRO B 101 23.47 -6.25 -9.32
C PRO B 101 22.67 -7.52 -9.41
N THR B 102 22.08 -7.73 -10.59
CA THR B 102 21.22 -8.89 -10.79
C THR B 102 21.94 -10.16 -10.43
N THR B 103 23.25 -10.24 -10.73
CA THR B 103 23.99 -11.46 -10.41
C THR B 103 24.08 -11.72 -8.91
N CYS B 104 23.84 -10.70 -8.07
CA CYS B 104 23.92 -10.86 -6.62
C CYS B 104 22.55 -10.74 -5.93
N ALA B 105 21.47 -10.67 -6.69
CA ALA B 105 20.17 -10.37 -6.12
C ALA B 105 19.55 -11.53 -5.38
N ASN B 106 20.19 -12.70 -5.39
CA ASN B 106 19.75 -13.80 -4.53
C ASN B 106 20.04 -13.53 -3.06
N ASP B 107 20.89 -12.55 -2.73
CA ASP B 107 21.26 -12.26 -1.35
C ASP B 107 21.51 -10.77 -1.20
N PRO B 108 20.44 -9.97 -1.27
CA PRO B 108 20.65 -8.53 -1.14
C PRO B 108 21.22 -8.12 0.21
N VAL B 109 20.85 -8.80 1.29
CA VAL B 109 21.37 -8.40 2.59
C VAL B 109 22.87 -8.60 2.65
N GLY B 110 23.34 -9.76 2.20
CA GLY B 110 24.77 -10.00 2.13
C GLY B 110 25.48 -8.96 1.29
N PHE B 111 24.92 -8.64 0.12
CA PHE B 111 25.56 -7.66 -0.75
C PHE B 111 25.72 -6.33 -0.05
N THR B 112 24.67 -5.83 0.60
CA THR B 112 24.76 -4.51 1.19
C THR B 112 25.80 -4.48 2.30
N LEU B 113 25.93 -5.59 3.02
CA LEU B 113 26.90 -5.67 4.10
C LEU B 113 28.33 -5.70 3.55
N LYS B 114 28.57 -6.60 2.60
CA LYS B 114 29.91 -6.84 2.09
C LYS B 114 30.42 -5.76 1.13
N ASN B 115 29.67 -4.69 0.89
CA ASN B 115 30.08 -3.74 -0.13
C ASN B 115 29.89 -2.33 0.38
N THR B 116 30.47 -1.37 -0.34
CA THR B 116 30.48 0.00 0.10
C THR B 116 30.20 0.93 -1.06
N VAL B 117 29.58 2.06 -0.74
CA VAL B 117 29.11 3.02 -1.72
C VAL B 117 30.15 4.11 -1.87
N CYS B 118 30.56 4.37 -3.12
CA CYS B 118 31.41 5.51 -3.38
C CYS B 118 30.72 6.80 -2.97
N THR B 119 31.39 7.56 -2.10
CA THR B 119 30.80 8.76 -1.52
C THR B 119 30.76 9.95 -2.48
N VAL B 120 31.34 9.86 -3.67
CA VAL B 120 31.29 10.97 -4.62
C VAL B 120 30.28 10.72 -5.75
N CYS B 121 30.28 9.52 -6.34
CA CYS B 121 29.40 9.27 -7.46
C CYS B 121 28.14 8.47 -7.10
N GLY B 122 28.07 7.93 -5.89
CA GLY B 122 26.89 7.22 -5.42
C GLY B 122 26.74 5.80 -5.90
N MET B 123 27.70 5.30 -6.67
CA MET B 123 27.66 3.93 -7.16
C MET B 123 28.33 2.99 -6.17
N TRP B 124 28.06 1.71 -6.33
CA TRP B 124 28.73 0.70 -5.53
C TRP B 124 30.18 0.59 -6.00
N LYS B 125 31.10 0.57 -5.04
CA LYS B 125 32.50 0.37 -5.38
C LYS B 125 32.66 -0.98 -6.05
N GLY B 126 33.20 -0.99 -7.26
CA GLY B 126 33.38 -2.21 -8.02
C GLY B 126 32.18 -2.69 -8.81
N TYR B 127 31.06 -1.98 -8.74
CA TYR B 127 29.85 -2.34 -9.48
C TYR B 127 29.20 -1.09 -10.06
N GLY B 128 30.02 -0.18 -10.56
CA GLY B 128 29.53 1.05 -11.12
C GLY B 128 30.50 2.19 -10.93
N CYS B 129 31.16 2.25 -9.77
CA CYS B 129 32.07 3.34 -9.50
C CYS B 129 33.25 3.33 -10.46
N SER B 130 33.32 4.35 -11.32
CA SER B 130 34.42 4.53 -12.27
C SER B 130 35.36 5.65 -11.85
N CYS B 131 35.37 5.98 -10.56
CA CYS B 131 36.10 7.17 -10.09
C CYS B 131 37.61 6.95 -10.14
N ASP B 132 38.08 5.72 -9.90
CA ASP B 132 39.52 5.44 -9.87
C ASP B 132 40.12 5.26 -11.26
N GLN B 133 39.33 5.45 -12.32
CA GLN B 133 39.82 5.37 -13.69
C GLN B 133 40.62 6.61 -14.08
C1 EDO C . 4.91 15.17 -0.64
O1 EDO C . 3.66 15.71 -1.09
C2 EDO C . 6.02 16.21 -0.79
O2 EDO C . 5.59 17.41 -0.13
H11 EDO C . 5.16 14.28 -1.22
H12 EDO C . 4.82 14.88 0.41
HO1 EDO C . 3.01 15.00 -1.16
H21 EDO C . 6.20 16.41 -1.85
H22 EDO C . 6.94 15.85 -0.34
HO2 EDO C . 6.04 18.17 -0.51
C1 EDO D . -13.84 -8.85 9.60
O1 EDO D . -12.58 -9.53 9.64
C2 EDO D . -13.71 -7.61 10.44
O2 EDO D . -13.36 -8.05 11.76
H11 EDO D . -14.09 -8.59 8.57
H12 EDO D . -14.62 -9.50 9.98
HO1 EDO D . -12.67 -10.40 9.22
H21 EDO D . -12.95 -6.94 10.05
H22 EDO D . -14.66 -7.07 10.48
HO2 EDO D . -12.85 -7.36 12.21
O1 MES E . -11.59 10.36 -11.41
C2 MES E . -12.92 10.60 -11.00
C3 MES E . -13.88 9.58 -11.61
N4 MES E . -13.70 9.44 -13.04
C5 MES E . -12.30 9.26 -13.46
C6 MES E . -11.49 10.39 -12.84
C7 MES E . -14.56 8.43 -13.68
C8 MES E . -15.94 9.02 -14.00
S MES E . -16.94 7.95 -14.84
O1S MES E . -17.37 8.62 -16.07
O2S MES E . -16.19 6.72 -15.24
O3S MES E . -18.15 7.67 -14.03
H21 MES E . -13.22 11.61 -11.30
H22 MES E . -12.97 10.56 -9.90
H31 MES E . -13.72 8.61 -11.13
H32 MES E . -14.91 9.88 -11.41
HN4 MES E . -13.99 10.34 -13.39
H51 MES E . -12.22 9.27 -14.55
H52 MES E . -11.92 8.28 -13.11
H61 MES E . -11.87 11.35 -13.21
H62 MES E . -10.44 10.30 -13.14
H71 MES E . -14.10 8.07 -14.60
H72 MES E . -14.69 7.58 -13.01
H81 MES E . -15.81 9.92 -14.60
H82 MES E . -16.43 9.31 -13.07
C1 EDO F . -2.15 12.33 19.12
O1 EDO F . -2.18 10.91 19.25
C2 EDO F . -3.61 12.70 19.26
O2 EDO F . -4.32 11.45 19.18
H11 EDO F . -1.74 12.64 18.16
H12 EDO F . -1.53 12.79 19.90
HO1 EDO F . -1.30 10.54 19.12
H21 EDO F . -3.79 13.20 20.22
H22 EDO F . -3.92 13.39 18.47
HO2 EDO F . -5.27 11.62 19.25
C1 EDO G . -21.30 -17.83 0.51
O1 EDO G . -19.93 -18.16 0.25
C2 EDO G . -21.76 -18.28 1.89
O2 EDO G . -21.11 -17.48 2.90
H11 EDO G . -21.93 -18.30 -0.25
H12 EDO G . -21.44 -16.75 0.41
HO1 EDO G . -19.68 -17.85 -0.63
H21 EDO G . -21.51 -19.33 2.04
H22 EDO G . -22.84 -18.17 1.98
HO2 EDO G . -21.50 -17.69 3.77
C1 EDO H . -0.68 -13.45 -18.03
O1 EDO H . -0.02 -12.26 -17.63
C2 EDO H . -0.62 -14.44 -16.87
O2 EDO H . -1.51 -15.55 -17.10
H11 EDO H . -0.20 -13.88 -18.91
H12 EDO H . -1.73 -13.24 -18.29
HO1 EDO H . -0.08 -11.60 -18.34
H21 EDO H . 0.39 -14.81 -16.76
H22 EDO H . -0.90 -13.94 -15.94
HO2 EDO H . -1.47 -16.16 -16.35
C1 EDO I . -10.62 -15.58 -2.61
O1 EDO I . -11.82 -15.43 -3.40
C2 EDO I . -10.66 -14.79 -1.29
O2 EDO I . -11.87 -15.10 -0.58
H11 EDO I . -9.76 -15.23 -3.20
H12 EDO I . -10.47 -16.63 -2.39
HO1 EDO I . -11.90 -16.17 -4.01
H21 EDO I . -9.80 -15.04 -0.67
H22 EDO I . -10.63 -13.71 -1.49
HO2 EDO I . -11.91 -14.60 0.24
C1 EDO J . 9.26 -16.00 -15.50
O1 EDO J . 10.46 -15.28 -15.81
C2 EDO J . 8.28 -14.98 -14.94
O2 EDO J . 6.96 -15.44 -15.18
H11 EDO J . 8.85 -16.47 -16.40
H12 EDO J . 9.47 -16.79 -14.77
HO1 EDO J . 11.22 -15.87 -15.75
H21 EDO J . 8.44 -14.86 -13.86
H22 EDO J . 8.44 -14.01 -15.40
HO2 EDO J . 6.35 -15.02 -14.55
C1 EDO K . -9.51 7.56 15.77
O1 EDO K . -10.76 7.55 15.05
C2 EDO K . -8.72 8.77 15.28
O2 EDO K . -7.66 9.13 16.16
H11 EDO K . -9.68 7.63 16.84
H12 EDO K . -8.95 6.65 15.57
HO1 EDO K . -11.21 6.70 15.20
H21 EDO K . -8.31 8.55 14.29
H22 EDO K . -9.41 9.63 15.17
HO2 EDO K . -7.32 10.00 15.92
C1 EDO L . -22.69 5.99 7.04
O1 EDO L . -22.85 7.42 7.11
C2 EDO L . -21.42 5.49 7.75
O2 EDO L . -21.60 5.45 9.19
H11 EDO L . -23.56 5.52 7.48
H12 EDO L . -22.64 5.70 5.99
HO1 EDO L . -23.65 7.68 6.63
H21 EDO L . -20.59 6.15 7.52
H22 EDO L . -21.18 4.49 7.39
HO2 EDO L . -20.75 5.22 9.61
C1 EDO M . -6.92 -1.19 24.15
O1 EDO M . -5.52 -1.45 24.11
C2 EDO M . -7.18 0.32 24.20
O2 EDO M . -7.36 0.92 22.91
H11 EDO M . -7.40 -1.61 23.26
H12 EDO M . -7.36 -1.66 25.03
HO1 EDO M . -5.37 -2.41 24.10
H21 EDO M . -8.07 0.50 24.80
H22 EDO M . -6.33 0.79 24.70
HO2 EDO M . -7.59 1.86 23.02
C1 EDO N . -13.26 5.36 15.77
O1 EDO N . -12.75 4.91 14.51
C2 EDO N . -14.78 5.28 15.80
O2 EDO N . -15.25 3.97 15.42
H11 EDO N . -12.95 6.39 15.94
H12 EDO N . -12.84 4.75 16.57
HO1 EDO N . -11.79 4.97 14.50
H21 EDO N . -15.20 6.02 15.12
H22 EDO N . -15.14 5.51 16.81
HO2 EDO N . -16.21 3.99 15.32
C1 EDO O . -5.87 11.86 -13.86
O1 EDO O . -5.88 11.16 -15.12
C2 EDO O . -7.10 12.76 -13.80
O2 EDO O . -8.20 12.18 -14.53
H11 EDO O . -4.96 12.45 -13.76
H12 EDO O . -5.90 11.15 -13.03
HO1 EDO O . -5.08 10.62 -15.18
H21 EDO O . -6.85 13.74 -14.22
H22 EDO O . -7.39 12.93 -12.76
HO2 EDO O . -8.95 12.78 -14.51
C1 EDO P . -12.59 4.78 -14.01
O1 EDO P . -12.33 3.38 -14.21
C2 EDO P . -11.53 5.67 -14.65
O2 EDO P . -10.23 5.03 -14.73
H11 EDO P . -12.63 4.98 -12.94
H12 EDO P . -13.57 5.02 -14.43
HO1 EDO P . -12.92 2.86 -13.65
H21 EDO P . -11.43 6.58 -14.06
H22 EDO P . -11.85 5.96 -15.65
HO2 EDO P . -9.59 5.64 -15.09
C1 EDO Q . -4.87 -18.06 -17.00
O1 EDO Q . -3.73 -17.19 -17.01
C2 EDO Q . -4.44 -19.47 -16.60
O2 EDO Q . -3.77 -19.44 -15.33
H11 EDO Q . -5.33 -18.08 -17.99
H12 EDO Q . -5.62 -17.68 -16.30
HO1 EDO Q . -4.01 -16.28 -17.22
H21 EDO Q . -3.77 -19.88 -17.36
H22 EDO Q . -5.32 -20.11 -16.54
HO2 EDO Q . -3.29 -20.27 -15.19
C1 EDO R . -10.15 -15.58 -19.42
O1 EDO R . -9.08 -16.04 -18.60
C2 EDO R . -11.39 -15.28 -18.57
O2 EDO R . -12.32 -14.50 -19.34
H11 EDO R . -10.40 -16.34 -20.16
H12 EDO R . -9.85 -14.68 -19.95
HO1 EDO R . -8.26 -16.05 -19.11
H21 EDO R . -11.09 -14.73 -17.67
H22 EDO R . -11.86 -16.21 -18.25
HO2 EDO R . -13.01 -14.17 -18.75
C1 EDO S . -18.60 -4.55 -18.95
O1 EDO S . -19.24 -3.29 -18.64
C2 EDO S . -19.19 -5.67 -18.10
O2 EDO S . -20.29 -6.39 -18.70
H11 EDO S . -17.53 -4.47 -18.77
H12 EDO S . -18.74 -4.78 -20.01
HO1 EDO S . -18.75 -2.57 -19.07
H21 EDO S . -19.54 -5.25 -17.15
H22 EDO S . -18.40 -6.39 -17.86
HO2 EDO S . -20.57 -7.10 -18.12
C1 EDO T . 3.48 0.86 18.22
O1 EDO T . 4.61 0.12 17.72
C2 EDO T . 3.76 1.40 19.62
O2 EDO T . 3.22 0.52 20.62
H11 EDO T . 2.60 0.22 18.24
H12 EDO T . 3.28 1.70 17.54
HO1 EDO T . 4.30 -0.56 17.09
H21 EDO T . 3.32 2.39 19.73
H22 EDO T . 4.84 1.49 19.78
HO2 EDO T . 3.32 0.92 21.50
C1 EDO U . -30.02 -8.91 -0.12
O1 EDO U . -28.65 -9.22 -0.31
C2 EDO U . -30.23 -7.43 -0.37
O2 EDO U . -29.62 -7.08 -1.61
H11 EDO U . -30.33 -9.16 0.90
H12 EDO U . -30.64 -9.50 -0.81
HO1 EDO U . -28.49 -10.13 -0.03
H21 EDO U . -29.80 -6.84 0.44
H22 EDO U . -31.30 -7.20 -0.41
HO2 EDO U . -30.06 -6.31 -2.00
C1 EDO V . 0.13 1.28 -16.48
O1 EDO V . 1.11 0.53 -17.27
C2 EDO V . -1.29 1.27 -17.08
O2 EDO V . -1.58 0.03 -17.76
H11 EDO V . 0.47 2.32 -16.41
H12 EDO V . 0.10 0.86 -15.48
HO1 EDO V . 1.99 0.67 -16.90
H21 EDO V . -1.39 2.09 -17.77
H22 EDO V . -2.01 1.41 -16.27
HO2 EDO V . -2.44 0.09 -18.19
C1 EDO W . 7.44 -14.46 -8.96
O1 EDO W . 6.53 -15.17 -8.10
C2 EDO W . 8.01 -15.36 -10.08
O2 EDO W . 9.31 -15.87 -9.70
H11 EDO W . 8.27 -14.07 -8.37
H12 EDO W . 6.91 -13.62 -9.42
HO1 EDO W . 6.16 -14.55 -7.45
H21 EDO W . 8.08 -14.78 -11.00
H22 EDO W . 7.33 -16.20 -10.24
HO2 EDO W . 9.66 -16.41 -10.43
N1 SGV X . -5.78 -4.36 13.03
C2 SGV X . -4.67 -4.27 12.31
N3 SGV X . -4.33 -5.17 11.42
C4 SGV X . -5.16 -6.21 11.17
C5 SGV X . -6.34 -6.37 11.90
C6 SGV X . -6.63 -5.37 12.88
N6 SGV X . -7.81 -5.37 13.72
C7 SGV X . -6.91 -7.58 11.41
C8 SGV X . -6.03 -8.09 10.43
N9 SGV X . -5.01 -7.26 10.30
C1' SGV X . -3.97 -7.40 9.49
C10 SGV X . -8.20 -8.29 11.85
N11 SGV X . -9.18 -7.65 12.72
O12 SGV X . -8.40 -9.40 11.50
C2' SGV X . -3.16 -8.78 9.60
O2' SGV X . -2.22 -8.76 10.76
C3' SGV X . -2.59 -8.96 8.46
O3' SGV X . -1.16 -8.60 8.36
C4' SGV X . -3.38 -7.93 7.37
O4' SGV X . -4.43 -7.46 8.02
C5' SGV X . -3.82 -8.66 6.13
O5' SGV X . -4.57 -9.80 6.48
H2 SGV X . -4.02 -3.42 12.48
HN6 SGV X . -7.99 -6.14 14.33
HN6A SGV X . -8.43 -4.58 13.71
H8 SGV X . -6.18 -9.01 9.87
H1' SGV X . -3.30 -6.58 9.74
HN11 SGV X . -9.08 -6.73 13.03
HN1A SGV X . -10.01 -8.17 12.97
H2' SGV X . -3.86 -9.60 9.73
HO2' SGV X . -2.15 -7.89 11.10
H3' SGV X . -2.69 -10.03 8.29
HO3' SGV X . -1.07 -7.67 8.25
H4' SGV X . -2.70 -7.14 7.10
H5' SGV X . -4.45 -7.99 5.53
H5'A SGV X . -2.95 -8.95 5.56
HO5' SGV X . -3.99 -10.56 6.52
C1 EDO Y . -7.22 -11.82 -0.13
O1 EDO Y . -5.79 -11.89 0.12
C2 EDO Y . -7.67 -12.80 -1.21
O2 EDO Y . -6.93 -12.65 -2.44
H11 EDO Y . -7.49 -10.81 -0.42
H12 EDO Y . -7.75 -12.05 0.80
HO1 EDO Y . -5.58 -11.35 0.89
H21 EDO Y . -8.73 -12.64 -1.41
H22 EDO Y . -7.55 -13.82 -0.84
HO2 EDO Y . -6.70 -11.73 -2.57
C1 EDO Z . 15.07 -13.54 -8.10
O1 EDO Z . 14.49 -13.39 -9.39
C2 EDO Z . 15.90 -12.30 -7.86
O2 EDO Z . 15.03 -11.38 -7.22
H11 EDO Z . 15.69 -14.44 -8.07
H12 EDO Z . 14.30 -13.65 -7.34
HO1 EDO Z . 13.94 -14.17 -9.60
H21 EDO Z . 16.27 -11.90 -8.80
H22 EDO Z . 16.76 -12.54 -7.22
HO2 EDO Z . 15.52 -10.58 -6.98
ZN ZN AA . 17.88 -0.81 8.99
ZN ZN BA . 32.78 6.78 -7.48
#